data_5M62
#
_entry.id   5M62
#
_cell.length_a   144.420
_cell.length_b   144.420
_cell.length_c   144.420
_cell.angle_alpha   90.00
_cell.angle_beta   90.00
_cell.angle_gamma   90.00
#
_symmetry.space_group_name_H-M   'I 2 3'
#
loop_
_entity.id
_entity.type
_entity.pdbx_description
1 polymer 'C-type lectin domain family 4 member K'
2 non-polymer 'CALCIUM ION'
3 non-polymer GLYCEROL
4 non-polymer 'HEXAETHYLENE GLYCOL'
5 non-polymer beta-D-glucopyranose
6 non-polymer alpha-D-glucopyranose
7 water water
#
_entity_poly.entity_id   1
_entity_poly.type   'polypeptide(L)'
_entity_poly.pdbx_seq_one_letter_code
;MAGILEMVARGWKYFSGNFYYFSRTPKTWYSAEQFCISRKAHLTSVSSESEQKFLYKAADGIPHWIGLTKAGSEGDWYWV
DQTSFNKEQSRRFWIPGEPNNAGNNEHCANIRVSALKSWNDGPCDNTFLFICKRPYVQTTEGTWSHPQFEK
;
_entity_poly.pdbx_strand_id   A,B
#
loop_
_chem_comp.id
_chem_comp.type
_chem_comp.name
_chem_comp.formula
BGC D-saccharide, beta linking beta-D-glucopyranose 'C6 H12 O6'
CA non-polymer 'CALCIUM ION' 'Ca 2'
GLC D-saccharide, alpha linking alpha-D-glucopyranose 'C6 H12 O6'
GOL non-polymer GLYCEROL 'C3 H8 O3'
P6G non-polymer 'HEXAETHYLENE GLYCOL' 'C12 H26 O7'
#
# COMPACT_ATOMS: atom_id res chain seq x y z
N ALA A 2 -4.79 -17.78 -20.15
CA ALA A 2 -5.58 -17.91 -21.41
C ALA A 2 -5.49 -16.63 -22.28
N GLY A 3 -6.19 -16.63 -23.41
CA GLY A 3 -6.06 -15.58 -24.43
C GLY A 3 -7.13 -14.51 -24.38
N ILE A 4 -7.19 -13.70 -25.44
CA ILE A 4 -8.11 -12.56 -25.49
C ILE A 4 -9.56 -12.98 -25.23
N LEU A 5 -10.04 -13.99 -25.97
CA LEU A 5 -11.45 -14.38 -25.84
C LEU A 5 -11.77 -14.81 -24.42
N GLU A 6 -10.90 -15.64 -23.84
CA GLU A 6 -11.09 -16.15 -22.47
C GLU A 6 -11.11 -15.03 -21.43
N MET A 7 -10.21 -14.07 -21.57
CA MET A 7 -10.15 -12.93 -20.65
C MET A 7 -11.36 -12.03 -20.83
N VAL A 8 -11.71 -11.71 -22.07
CA VAL A 8 -12.89 -10.86 -22.34
C VAL A 8 -14.15 -11.56 -21.83
N ALA A 9 -14.24 -12.87 -22.02
CA ALA A 9 -15.38 -13.66 -21.50
C ALA A 9 -15.34 -13.94 -19.98
N ARG A 10 -14.36 -13.36 -19.28
CA ARG A 10 -14.33 -13.31 -17.82
C ARG A 10 -14.50 -11.87 -17.29
N GLY A 11 -14.87 -10.92 -18.14
CA GLY A 11 -15.10 -9.53 -17.73
C GLY A 11 -13.99 -8.51 -17.95
N TRP A 12 -12.81 -8.96 -18.38
CA TRP A 12 -11.67 -8.07 -18.63
C TRP A 12 -11.89 -7.30 -19.92
N LYS A 13 -11.49 -6.04 -19.93
CA LYS A 13 -11.38 -5.27 -21.15
C LYS A 13 -10.03 -5.56 -21.76
N TYR A 14 -9.90 -5.28 -23.05
CA TYR A 14 -8.64 -5.49 -23.75
C TYR A 14 -8.34 -4.29 -24.64
N PHE A 15 -7.09 -3.84 -24.60
CA PHE A 15 -6.63 -2.71 -25.41
C PHE A 15 -5.11 -2.69 -25.52
N SER A 16 -4.62 -2.56 -26.74
CA SER A 16 -3.18 -2.42 -27.04
C SER A 16 -2.26 -3.30 -26.19
N GLY A 17 -2.52 -4.61 -26.23
CA GLY A 17 -1.65 -5.60 -25.60
C GLY A 17 -1.74 -5.74 -24.08
N ASN A 18 -2.82 -5.22 -23.49
CA ASN A 18 -3.06 -5.37 -22.06
C ASN A 18 -4.53 -5.63 -21.79
N PHE A 19 -4.78 -6.36 -20.72
CA PHE A 19 -6.11 -6.56 -20.18
C PHE A 19 -6.34 -5.62 -19.01
N TYR A 20 -7.62 -5.23 -18.81
CA TYR A 20 -8.00 -4.28 -17.75
C TYR A 20 -9.24 -4.79 -17.03
N TYR A 21 -9.24 -4.63 -15.71
CA TYR A 21 -10.39 -5.00 -14.87
C TYR A 21 -10.89 -3.75 -14.18
N PHE A 22 -12.10 -3.35 -14.54
CA PHE A 22 -12.75 -2.17 -14.01
C PHE A 22 -13.66 -2.64 -12.90
N SER A 23 -13.34 -2.24 -11.67
CA SER A 23 -13.98 -2.84 -10.51
C SER A 23 -15.46 -2.54 -10.37
N ARG A 24 -16.19 -3.44 -9.70
N ARG A 24 -16.12 -3.46 -9.68
CA ARG A 24 -17.62 -3.25 -9.45
CA ARG A 24 -17.54 -3.40 -9.35
C ARG A 24 -17.91 -2.61 -8.08
C ARG A 24 -17.80 -2.46 -8.19
N THR A 25 -16.89 -2.48 -7.22
CA THR A 25 -17.06 -1.82 -5.93
C THR A 25 -15.81 -1.02 -5.57
N PRO A 26 -15.99 -0.03 -4.69
CA PRO A 26 -14.90 0.90 -4.41
C PRO A 26 -14.02 0.44 -3.25
N LYS A 27 -12.74 0.78 -3.34
CA LYS A 27 -11.74 0.48 -2.33
C LYS A 27 -10.78 1.62 -2.16
N THR A 28 -10.06 1.60 -1.04
CA THR A 28 -8.90 2.47 -0.87
C THR A 28 -7.84 2.09 -1.92
N TRP A 29 -6.84 2.95 -2.10
CA TRP A 29 -5.81 2.70 -3.11
C TRP A 29 -5.12 1.36 -2.79
N TYR A 30 -4.69 1.17 -1.54
CA TYR A 30 -3.98 -0.05 -1.18
C TYR A 30 -4.84 -1.30 -1.26
N SER A 31 -6.11 -1.20 -0.82
CA SER A 31 -6.99 -2.35 -0.89
C SER A 31 -7.28 -2.73 -2.33
N ALA A 32 -7.37 -1.71 -3.19
CA ALA A 32 -7.50 -1.92 -4.64
C ALA A 32 -6.28 -2.68 -5.17
N GLU A 33 -5.09 -2.16 -4.88
CA GLU A 33 -3.85 -2.80 -5.33
C GLU A 33 -3.76 -4.24 -4.83
N GLN A 34 -4.15 -4.49 -3.58
CA GLN A 34 -4.14 -5.87 -3.07
C GLN A 34 -5.09 -6.76 -3.88
N PHE A 35 -6.26 -6.25 -4.20
CA PHE A 35 -7.19 -6.97 -5.07
C PHE A 35 -6.59 -7.22 -6.46
N CYS A 36 -6.00 -6.20 -7.09
CA CYS A 36 -5.41 -6.40 -8.40
C CYS A 36 -4.35 -7.50 -8.36
N ILE A 37 -3.49 -7.47 -7.33
CA ILE A 37 -2.48 -8.53 -7.21
C ILE A 37 -3.09 -9.93 -7.16
N SER A 38 -4.20 -10.10 -6.45
CA SER A 38 -4.92 -11.38 -6.38
C SER A 38 -5.49 -11.83 -7.73
N ARG A 39 -5.60 -10.89 -8.68
CA ARG A 39 -6.05 -11.15 -10.06
C ARG A 39 -4.86 -11.14 -11.05
N LYS A 40 -3.64 -11.32 -10.53
CA LYS A 40 -2.39 -11.33 -11.33
C LYS A 40 -2.19 -10.04 -12.11
N ALA A 41 -2.48 -8.92 -11.43
CA ALA A 41 -2.48 -7.62 -12.04
C ALA A 41 -1.92 -6.59 -11.05
N HIS A 42 -1.93 -5.32 -11.46
CA HIS A 42 -1.60 -4.20 -10.59
C HIS A 42 -2.51 -3.07 -11.02
N LEU A 43 -2.69 -2.11 -10.15
CA LEU A 43 -3.40 -0.91 -10.54
C LEU A 43 -2.71 -0.32 -11.78
N THR A 44 -3.52 0.15 -12.73
CA THR A 44 -3.02 0.45 -14.05
C THR A 44 -2.01 1.57 -14.09
N SER A 45 -0.99 1.36 -14.90
CA SER A 45 -0.16 2.41 -15.39
C SER A 45 -0.81 3.07 -16.62
N VAL A 46 -0.28 4.22 -17.01
CA VAL A 46 -0.74 4.92 -18.21
C VAL A 46 0.53 5.33 -18.95
N SER A 47 0.90 4.57 -19.97
N SER A 47 0.86 4.57 -19.98
CA SER A 47 2.18 4.78 -20.66
CA SER A 47 2.13 4.68 -20.69
C SER A 47 2.07 5.30 -22.09
C SER A 47 2.09 5.49 -21.99
N SER A 48 0.90 5.85 -22.44
CA SER A 48 0.70 6.55 -23.70
C SER A 48 -0.57 7.39 -23.63
N GLU A 49 -0.65 8.38 -24.51
CA GLU A 49 -1.88 9.13 -24.71
C GLU A 49 -3.01 8.23 -25.23
N SER A 50 -2.65 7.23 -26.03
CA SER A 50 -3.60 6.23 -26.52
C SER A 50 -4.25 5.49 -25.36
N GLU A 51 -3.43 5.05 -24.42
CA GLU A 51 -3.92 4.34 -23.25
C GLU A 51 -4.74 5.24 -22.32
N GLN A 52 -4.30 6.48 -22.15
CA GLN A 52 -5.06 7.49 -21.39
C GLN A 52 -6.47 7.65 -21.97
N LYS A 53 -6.56 7.77 -23.30
N LYS A 53 -6.55 7.77 -23.29
CA LYS A 53 -7.85 7.92 -23.98
CA LYS A 53 -7.84 7.92 -23.98
C LYS A 53 -8.76 6.72 -23.78
C LYS A 53 -8.76 6.71 -23.76
N PHE A 54 -8.21 5.51 -23.87
CA PHE A 54 -8.97 4.29 -23.60
C PHE A 54 -9.51 4.32 -22.18
N LEU A 55 -8.64 4.65 -21.24
CA LEU A 55 -9.00 4.54 -19.83
C LEU A 55 -10.01 5.58 -19.38
N TYR A 56 -9.84 6.84 -19.78
CA TYR A 56 -10.80 7.86 -19.35
C TYR A 56 -12.15 7.60 -20.00
N LYS A 57 -12.16 7.16 -21.24
CA LYS A 57 -13.42 6.81 -21.88
C LYS A 57 -14.10 5.65 -21.14
N ALA A 58 -13.33 4.60 -20.84
CA ALA A 58 -13.91 3.42 -20.19
C ALA A 58 -14.37 3.65 -18.74
N ALA A 59 -13.79 4.64 -18.07
CA ALA A 59 -14.15 4.96 -16.69
C ALA A 59 -15.49 5.71 -16.55
N ASP A 60 -16.08 6.15 -17.66
CA ASP A 60 -17.47 6.63 -17.71
C ASP A 60 -17.79 7.84 -16.82
N GLY A 61 -16.79 8.65 -16.52
CA GLY A 61 -17.00 9.80 -15.66
C GLY A 61 -17.11 9.47 -14.17
N ILE A 62 -16.74 8.25 -13.78
CA ILE A 62 -16.72 7.84 -12.38
C ILE A 62 -15.26 7.85 -11.93
N PRO A 63 -14.94 8.50 -10.81
CA PRO A 63 -13.52 8.43 -10.42
C PRO A 63 -13.02 7.01 -10.24
N HIS A 64 -11.82 6.75 -10.76
CA HIS A 64 -11.17 5.45 -10.66
C HIS A 64 -9.73 5.62 -10.23
N TRP A 65 -9.34 4.90 -9.18
CA TRP A 65 -7.93 4.79 -8.83
C TRP A 65 -7.11 4.18 -9.98
N ILE A 66 -5.96 4.79 -10.23
CA ILE A 66 -4.91 4.19 -11.06
C ILE A 66 -3.65 3.94 -10.24
N GLY A 67 -2.64 3.34 -10.87
CA GLY A 67 -1.48 2.85 -10.17
C GLY A 67 -0.37 3.85 -9.90
N LEU A 68 -0.65 5.15 -9.85
CA LEU A 68 0.35 6.16 -9.55
C LEU A 68 0.28 6.51 -8.07
N THR A 69 1.43 6.43 -7.42
CA THR A 69 1.53 6.71 -5.99
C THR A 69 2.89 7.32 -5.74
N LYS A 70 3.03 8.04 -4.63
CA LYS A 70 4.33 8.57 -4.25
C LYS A 70 5.17 7.52 -3.50
N ALA A 71 6.49 7.64 -3.65
CA ALA A 71 7.47 6.85 -2.91
C ALA A 71 7.56 7.43 -1.48
N GLY A 72 6.59 7.08 -0.66
CA GLY A 72 6.45 7.67 0.64
C GLY A 72 5.70 8.98 0.53
N SER A 73 5.26 9.49 1.68
CA SER A 73 4.38 10.65 1.72
C SER A 73 5.04 11.96 1.32
N GLU A 74 6.36 11.97 1.16
CA GLU A 74 7.11 13.15 0.72
C GLU A 74 8.00 12.77 -0.46
N GLY A 75 7.51 11.83 -1.27
CA GLY A 75 8.29 11.26 -2.36
C GLY A 75 7.77 11.60 -3.75
N ASP A 76 8.51 11.12 -4.75
CA ASP A 76 8.14 11.36 -6.13
C ASP A 76 7.16 10.30 -6.61
N TRP A 77 6.37 10.69 -7.59
CA TRP A 77 5.40 9.77 -8.21
C TRP A 77 6.08 8.63 -8.98
N TYR A 78 5.49 7.46 -8.90
CA TYR A 78 5.92 6.30 -9.68
C TYR A 78 4.73 5.39 -9.96
N TRP A 79 4.88 4.49 -10.94
CA TRP A 79 3.86 3.51 -11.25
C TRP A 79 4.11 2.24 -10.45
N VAL A 80 3.10 1.77 -9.72
CA VAL A 80 3.26 0.59 -8.89
C VAL A 80 3.60 -0.67 -9.68
N ASP A 81 3.21 -0.73 -10.96
CA ASP A 81 3.60 -1.88 -11.81
C ASP A 81 5.08 -1.81 -12.30
N GLN A 82 5.76 -0.72 -11.94
CA GLN A 82 7.22 -0.52 -12.09
C GLN A 82 7.66 -0.10 -13.49
N THR A 83 6.70 0.19 -14.37
CA THR A 83 7.02 0.86 -15.63
C THR A 83 7.46 2.31 -15.33
N SER A 84 8.31 2.86 -16.21
N SER A 84 8.31 2.86 -16.20
CA SER A 84 8.89 4.18 -15.99
CA SER A 84 8.90 4.18 -15.95
C SER A 84 7.84 5.28 -16.00
C SER A 84 7.84 5.28 -16.00
N PHE A 85 7.93 6.21 -15.05
CA PHE A 85 7.00 7.36 -14.97
C PHE A 85 7.55 8.54 -15.76
N ASN A 86 6.85 8.86 -16.86
CA ASN A 86 7.24 9.92 -17.76
C ASN A 86 6.64 11.23 -17.25
N LYS A 87 7.42 11.96 -16.44
CA LYS A 87 7.00 13.22 -15.82
C LYS A 87 6.42 14.22 -16.82
N GLU A 88 7.13 14.41 -17.93
CA GLU A 88 6.76 15.44 -18.90
C GLU A 88 5.50 15.08 -19.66
N GLN A 89 5.38 13.83 -20.10
CA GLN A 89 4.12 13.32 -20.65
C GLN A 89 2.93 13.59 -19.70
N SER A 90 3.14 13.39 -18.39
CA SER A 90 2.05 13.49 -17.37
C SER A 90 1.33 14.83 -17.36
N ARG A 91 2.03 15.93 -17.63
CA ARG A 91 1.41 17.27 -17.67
C ARG A 91 0.22 17.36 -18.62
N ARG A 92 0.20 16.48 -19.61
CA ARG A 92 -0.91 16.42 -20.55
C ARG A 92 -2.14 15.75 -19.95
N PHE A 93 -1.96 15.03 -18.83
CA PHE A 93 -3.02 14.21 -18.23
C PHE A 93 -3.57 14.68 -16.90
N TRP A 94 -2.86 15.56 -16.19
CA TRP A 94 -3.39 16.12 -14.94
C TRP A 94 -4.47 17.17 -15.22
N ILE A 95 -5.52 17.16 -14.39
CA ILE A 95 -6.48 18.26 -14.36
C ILE A 95 -5.72 19.56 -14.09
N PRO A 96 -6.13 20.69 -14.73
CA PRO A 96 -5.47 21.96 -14.44
C PRO A 96 -5.45 22.28 -12.95
N GLY A 97 -4.28 22.62 -12.43
CA GLY A 97 -4.07 22.83 -11.00
C GLY A 97 -3.46 21.63 -10.30
N GLU A 98 -3.63 20.44 -10.88
CA GLU A 98 -3.16 19.18 -10.28
C GLU A 98 -1.78 18.77 -10.80
N PRO A 99 -0.98 18.04 -9.97
CA PRO A 99 -1.30 17.64 -8.58
C PRO A 99 -1.06 18.83 -7.64
N ASN A 100 -1.97 19.00 -6.67
CA ASN A 100 -1.93 20.14 -5.75
C ASN A 100 -1.66 19.77 -4.29
N ASN A 101 -1.47 18.47 -4.02
CA ASN A 101 -1.18 17.97 -2.69
C ASN A 101 -2.02 18.65 -1.59
N ALA A 102 -3.34 18.63 -1.77
CA ALA A 102 -4.26 19.22 -0.78
C ALA A 102 -4.02 18.66 0.62
N GLY A 103 -3.96 19.55 1.61
CA GLY A 103 -3.67 19.18 3.00
C GLY A 103 -2.34 18.46 3.21
N ASN A 104 -1.44 18.56 2.23
CA ASN A 104 -0.23 17.77 2.18
C ASN A 104 -0.45 16.27 2.40
N ASN A 105 -1.59 15.76 1.91
CA ASN A 105 -1.95 14.38 2.15
C ASN A 105 -2.57 13.72 0.91
N GLU A 106 -2.11 14.06 -0.27
CA GLU A 106 -2.67 13.43 -1.49
C GLU A 106 -1.54 12.74 -2.23
N HIS A 107 -1.38 11.46 -1.96
CA HIS A 107 -0.20 10.71 -2.42
C HIS A 107 -0.50 9.57 -3.37
N CYS A 108 -1.73 9.56 -3.90
CA CYS A 108 -2.18 8.59 -4.88
C CYS A 108 -2.97 9.34 -5.91
N ALA A 109 -3.13 8.77 -7.10
CA ALA A 109 -3.84 9.45 -8.16
C ALA A 109 -4.98 8.64 -8.72
N ASN A 110 -6.04 9.35 -9.11
CA ASN A 110 -7.19 8.76 -9.80
C ASN A 110 -7.54 9.52 -11.06
N ILE A 111 -8.17 8.81 -12.00
CA ILE A 111 -8.80 9.44 -13.15
C ILE A 111 -10.14 9.89 -12.62
N ARG A 112 -10.29 11.21 -12.48
N ARG A 112 -10.30 11.21 -12.48
CA ARG A 112 -11.44 11.80 -11.78
CA ARG A 112 -11.46 11.77 -11.78
C ARG A 112 -12.65 12.05 -12.67
C ARG A 112 -12.66 12.04 -12.69
N VAL A 113 -12.39 12.39 -13.94
CA VAL A 113 -13.43 12.71 -14.92
C VAL A 113 -13.12 12.12 -16.29
N SER A 114 -14.10 12.15 -17.19
N SER A 114 -14.11 12.16 -17.19
CA SER A 114 -13.93 11.65 -18.55
CA SER A 114 -13.96 11.66 -18.55
C SER A 114 -13.41 12.76 -19.47
C SER A 114 -13.41 12.77 -19.46
N ALA A 115 -12.11 13.02 -19.33
CA ALA A 115 -11.38 13.98 -20.21
C ALA A 115 -9.94 13.55 -20.30
N LEU A 116 -9.21 14.06 -21.28
CA LEU A 116 -7.79 13.73 -21.38
C LEU A 116 -7.05 14.30 -20.16
N LYS A 117 -7.38 15.53 -19.79
CA LYS A 117 -6.89 16.13 -18.52
C LYS A 117 -7.86 15.70 -17.43
N SER A 118 -7.52 14.61 -16.76
CA SER A 118 -8.41 13.99 -15.79
C SER A 118 -7.79 13.45 -14.49
N TRP A 119 -6.46 13.46 -14.38
CA TRP A 119 -5.84 12.92 -13.17
C TRP A 119 -5.91 13.95 -12.04
N ASN A 120 -6.30 13.47 -10.87
CA ASN A 120 -6.22 14.24 -9.63
C ASN A 120 -5.50 13.41 -8.57
N ASP A 121 -4.63 14.04 -7.81
CA ASP A 121 -4.11 13.46 -6.59
C ASP A 121 -5.14 13.60 -5.48
N GLY A 122 -5.33 12.52 -4.74
CA GLY A 122 -6.24 12.45 -3.61
C GLY A 122 -5.66 11.64 -2.46
N PRO A 123 -6.25 11.75 -1.26
CA PRO A 123 -5.86 10.89 -0.14
C PRO A 123 -5.98 9.42 -0.50
N CYS A 124 -4.92 8.64 -0.26
N CYS A 124 -4.93 8.64 -0.24
CA CYS A 124 -4.92 7.22 -0.59
CA CYS A 124 -4.95 7.22 -0.59
C CYS A 124 -6.00 6.41 0.13
C CYS A 124 -6.04 6.42 0.12
N ASP A 125 -6.53 6.94 1.25
CA ASP A 125 -7.63 6.28 1.98
C ASP A 125 -9.05 6.61 1.46
N ASN A 126 -9.14 7.48 0.44
CA ASN A 126 -10.40 7.68 -0.29
C ASN A 126 -10.77 6.37 -0.98
N THR A 127 -12.06 6.04 -0.96
CA THR A 127 -12.60 4.85 -1.59
C THR A 127 -13.24 5.13 -2.97
N PHE A 128 -12.65 4.55 -4.02
CA PHE A 128 -13.16 4.69 -5.40
C PHE A 128 -13.13 3.37 -6.09
N LEU A 129 -13.90 3.28 -7.18
CA LEU A 129 -13.68 2.20 -8.11
C LEU A 129 -12.24 2.26 -8.61
N PHE A 130 -11.77 1.16 -9.17
CA PHE A 130 -10.36 1.07 -9.60
C PHE A 130 -10.14 0.23 -10.84
N ILE A 131 -8.97 0.40 -11.44
CA ILE A 131 -8.62 -0.25 -12.70
C ILE A 131 -7.35 -1.10 -12.53
N CYS A 132 -7.50 -2.42 -12.66
CA CYS A 132 -6.35 -3.32 -12.71
C CYS A 132 -5.87 -3.48 -14.14
N LYS A 133 -4.57 -3.64 -14.33
CA LYS A 133 -3.97 -3.94 -15.64
C LYS A 133 -3.07 -5.17 -15.53
N ARG A 134 -3.11 -6.02 -16.53
CA ARG A 134 -2.12 -7.08 -16.69
C ARG A 134 -1.81 -7.34 -18.16
N PRO A 135 -0.53 -7.63 -18.48
CA PRO A 135 -0.11 -7.78 -19.88
C PRO A 135 -0.76 -8.95 -20.59
N TYR A 136 -0.90 -8.81 -21.91
CA TYR A 136 -1.36 -9.88 -22.77
C TYR A 136 -0.10 -10.61 -23.17
N VAL A 137 0.09 -11.82 -22.65
CA VAL A 137 1.29 -12.63 -22.91
C VAL A 137 0.88 -13.97 -23.52
N ALA B 2 21.63 8.47 11.20
CA ALA B 2 22.51 9.31 12.11
C ALA B 2 23.07 8.46 13.26
N GLY B 3 23.78 9.10 14.19
CA GLY B 3 24.28 8.42 15.37
C GLY B 3 23.17 8.07 16.34
N ILE B 4 23.48 7.13 17.23
CA ILE B 4 22.52 6.60 18.17
C ILE B 4 21.92 7.72 19.02
N LEU B 5 22.77 8.56 19.61
CA LEU B 5 22.28 9.62 20.46
C LEU B 5 21.45 10.65 19.71
N GLU B 6 21.84 10.96 18.47
CA GLU B 6 21.11 11.96 17.67
C GLU B 6 19.70 11.46 17.30
N MET B 7 19.58 10.18 16.98
CA MET B 7 18.30 9.57 16.64
C MET B 7 17.38 9.47 17.86
N VAL B 8 17.94 9.09 18.99
CA VAL B 8 17.16 9.05 20.24
C VAL B 8 16.77 10.49 20.60
N ALA B 9 17.68 11.43 20.37
CA ALA B 9 17.41 12.87 20.58
C ALA B 9 16.35 13.47 19.64
N ARG B 10 16.04 12.79 18.54
CA ARG B 10 14.91 13.14 17.66
C ARG B 10 13.57 12.46 18.03
N GLY B 11 13.60 11.51 18.96
CA GLY B 11 12.42 10.73 19.35
C GLY B 11 12.28 9.35 18.75
N TRP B 12 13.36 8.80 18.19
CA TRP B 12 13.41 7.40 17.82
C TRP B 12 13.78 6.58 19.04
N LYS B 13 13.22 5.37 19.11
CA LYS B 13 13.67 4.36 20.05
C LYS B 13 14.81 3.57 19.42
N TYR B 14 15.64 3.01 20.27
CA TYR B 14 16.76 2.20 19.81
C TYR B 14 16.67 0.85 20.49
N PHE B 15 16.81 -0.20 19.70
CA PHE B 15 17.00 -1.54 20.24
C PHE B 15 17.80 -2.39 19.28
N SER B 16 18.92 -2.89 19.80
CA SER B 16 19.66 -3.99 19.20
C SER B 16 19.84 -3.87 17.68
N GLY B 17 20.53 -2.82 17.27
CA GLY B 17 20.85 -2.59 15.86
C GLY B 17 19.84 -1.84 15.00
N ASN B 18 18.71 -1.41 15.60
CA ASN B 18 17.64 -0.75 14.86
C ASN B 18 17.06 0.45 15.59
N PHE B 19 16.65 1.44 14.81
CA PHE B 19 15.85 2.56 15.30
C PHE B 19 14.37 2.33 15.01
N TYR B 20 13.51 2.70 15.96
CA TYR B 20 12.07 2.55 15.83
C TYR B 20 11.39 3.88 16.10
N TYR B 21 10.37 4.17 15.31
CA TYR B 21 9.53 5.33 15.59
C TYR B 21 8.10 4.88 15.83
N PHE B 22 7.63 5.22 17.02
CA PHE B 22 6.29 4.90 17.47
C PHE B 22 5.41 6.13 17.21
N SER B 23 4.44 5.97 16.31
CA SER B 23 3.67 7.13 15.87
C SER B 23 2.81 7.80 16.94
N ARG B 24 2.51 9.06 16.71
N ARG B 24 2.52 9.07 16.69
CA ARG B 24 1.66 9.85 17.60
CA ARG B 24 1.66 9.88 17.55
C ARG B 24 0.18 9.91 17.17
C ARG B 24 0.18 9.74 17.20
N THR B 25 -0.08 9.60 15.89
CA THR B 25 -1.44 9.59 15.36
C THR B 25 -1.65 8.29 14.60
N PRO B 26 -2.92 7.84 14.52
CA PRO B 26 -3.22 6.62 13.81
C PRO B 26 -3.41 6.82 12.31
N LYS B 27 -3.03 5.79 11.56
CA LYS B 27 -3.19 5.75 10.12
C LYS B 27 -3.61 4.36 9.66
N THR B 28 -4.15 4.30 8.45
CA THR B 28 -4.31 3.03 7.77
C THR B 28 -2.91 2.43 7.53
N TRP B 29 -2.85 1.13 7.24
CA TRP B 29 -1.58 0.44 7.11
C TRP B 29 -0.76 1.13 6.02
N TYR B 30 -1.37 1.40 4.86
CA TYR B 30 -0.62 1.98 3.75
C TYR B 30 -0.20 3.41 4.03
N SER B 31 -1.09 4.21 4.63
CA SER B 31 -0.70 5.58 4.95
C SER B 31 0.40 5.60 5.99
N ALA B 32 0.38 4.63 6.89
CA ALA B 32 1.48 4.44 7.86
C ALA B 32 2.80 4.09 7.13
N GLU B 33 2.73 3.18 6.16
CA GLU B 33 3.92 2.76 5.42
C GLU B 33 4.45 3.95 4.64
N GLN B 34 3.58 4.73 4.01
CA GLN B 34 4.02 5.92 3.27
C GLN B 34 4.76 6.89 4.19
N PHE B 35 4.21 7.11 5.38
CA PHE B 35 4.89 7.97 6.37
C PHE B 35 6.25 7.40 6.73
N CYS B 36 6.34 6.10 7.02
CA CYS B 36 7.62 5.51 7.37
C CYS B 36 8.66 5.76 6.28
N ILE B 37 8.28 5.54 5.02
CA ILE B 37 9.22 5.80 3.91
C ILE B 37 9.75 7.23 3.92
N SER B 38 8.89 8.22 4.20
CA SER B 38 9.30 9.63 4.29
C SER B 38 10.31 9.90 5.40
N ARG B 39 10.39 8.99 6.38
CA ARG B 39 11.37 9.03 7.46
C ARG B 39 12.50 7.96 7.26
N LYS B 40 12.73 7.55 6.01
N LYS B 40 12.73 7.55 6.02
CA LYS B 40 13.79 6.59 5.64
CA LYS B 40 13.78 6.59 5.63
C LYS B 40 13.63 5.24 6.32
C LYS B 40 13.63 5.24 6.30
N ALA B 41 12.38 4.80 6.47
CA ALA B 41 12.04 3.63 7.27
C ALA B 41 10.96 2.82 6.57
N HIS B 42 10.58 1.71 7.20
CA HIS B 42 9.43 0.91 6.76
C HIS B 42 8.69 0.54 8.00
N LEU B 43 7.44 0.15 7.85
CA LEU B 43 6.73 -0.46 8.97
C LEU B 43 7.54 -1.66 9.45
N THR B 44 7.63 -1.80 10.77
CA THR B 44 8.60 -2.72 11.34
C THR B 44 8.39 -4.18 11.02
N SER B 45 9.50 -4.86 10.77
CA SER B 45 9.57 -6.31 10.80
C SER B 45 9.87 -6.80 12.20
N VAL B 46 9.67 -8.11 12.40
CA VAL B 46 9.88 -8.77 13.69
C VAL B 46 10.67 -10.06 13.43
N SER B 47 11.95 -10.04 13.79
CA SER B 47 12.89 -11.10 13.38
C SER B 47 13.24 -12.11 14.47
N SER B 48 12.81 -11.86 15.71
CA SER B 48 13.21 -12.67 16.84
C SER B 48 12.28 -12.43 18.02
N GLU B 49 12.31 -13.35 18.97
CA GLU B 49 11.57 -13.21 20.22
C GLU B 49 11.97 -11.94 20.98
N SER B 50 13.28 -11.63 21.00
CA SER B 50 13.76 -10.43 21.69
C SER B 50 13.18 -9.17 21.06
N GLU B 51 13.17 -9.11 19.72
CA GLU B 51 12.55 -7.98 19.03
C GLU B 51 11.04 -7.90 19.30
N GLN B 52 10.36 -9.04 19.20
CA GLN B 52 8.94 -9.10 19.56
C GLN B 52 8.67 -8.55 20.97
N LYS B 53 9.50 -8.93 21.94
N LYS B 53 9.49 -8.94 21.95
CA LYS B 53 9.33 -8.48 23.33
CA LYS B 53 9.30 -8.45 23.32
C LYS B 53 9.53 -6.97 23.48
C LYS B 53 9.51 -6.95 23.45
N PHE B 54 10.58 -6.44 22.84
CA PHE B 54 10.82 -5.02 22.81
C PHE B 54 9.61 -4.27 22.25
N LEU B 55 9.08 -4.78 21.13
CA LEU B 55 7.98 -4.12 20.45
C LEU B 55 6.67 -4.16 21.23
N TYR B 56 6.28 -5.33 21.72
CA TYR B 56 4.99 -5.40 22.44
C TYR B 56 5.07 -4.62 23.75
N LYS B 57 6.23 -4.64 24.41
CA LYS B 57 6.39 -3.84 25.63
C LYS B 57 6.32 -2.35 25.33
N ALA B 58 7.05 -1.88 24.31
CA ALA B 58 7.02 -0.46 23.98
C ALA B 58 5.68 0.05 23.43
N ALA B 59 4.86 -0.87 22.87
CA ALA B 59 3.56 -0.51 22.31
C ALA B 59 2.47 -0.22 23.37
N ASP B 60 2.74 -0.53 24.64
CA ASP B 60 1.94 -0.08 25.77
C ASP B 60 0.49 -0.56 25.75
N GLY B 61 0.26 -1.73 25.15
CA GLY B 61 -1.09 -2.27 25.04
C GLY B 61 -2.03 -1.59 24.05
N ILE B 62 -1.49 -0.68 23.23
CA ILE B 62 -2.27 0.05 22.24
C ILE B 62 -2.02 -0.66 20.91
N PRO B 63 -3.07 -0.97 20.14
CA PRO B 63 -2.76 -1.65 18.87
C PRO B 63 -1.87 -0.80 17.96
N HIS B 64 -0.85 -1.43 17.40
CA HIS B 64 0.08 -0.76 16.47
C HIS B 64 0.25 -1.60 15.23
N TRP B 65 0.05 -1.01 14.05
CA TRP B 65 0.45 -1.63 12.79
C TRP B 65 1.95 -1.95 12.77
N ILE B 66 2.26 -3.16 12.30
CA ILE B 66 3.60 -3.57 11.90
C ILE B 66 3.63 -3.86 10.41
N GLY B 67 4.83 -4.12 9.88
CA GLY B 67 5.02 -4.23 8.44
C GLY B 67 4.77 -5.59 7.84
N LEU B 68 3.75 -6.31 8.34
CA LEU B 68 3.37 -7.62 7.84
C LEU B 68 2.08 -7.49 7.01
N THR B 69 2.12 -7.92 5.76
CA THR B 69 0.99 -7.80 4.87
C THR B 69 1.01 -8.95 3.90
N LYS B 70 -0.13 -9.17 3.24
CA LYS B 70 -0.21 -10.23 2.24
C LYS B 70 0.18 -9.71 0.85
N ALA B 71 0.79 -10.60 0.08
CA ALA B 71 1.06 -10.39 -1.35
C ALA B 71 -0.27 -10.51 -2.12
N GLY B 72 -1.02 -9.42 -2.11
CA GLY B 72 -2.37 -9.42 -2.61
C GLY B 72 -3.36 -9.94 -1.59
N SER B 73 -4.64 -9.73 -1.87
CA SER B 73 -5.70 -10.07 -0.94
C SER B 73 -5.87 -11.57 -0.68
N GLU B 74 -5.25 -12.41 -1.51
CA GLU B 74 -5.39 -13.87 -1.41
C GLU B 74 -4.02 -14.56 -1.31
N GLY B 75 -2.98 -13.78 -0.96
CA GLY B 75 -1.61 -14.26 -1.01
C GLY B 75 -0.96 -14.49 0.33
N ASP B 76 0.33 -14.78 0.30
CA ASP B 76 1.09 -15.10 1.50
C ASP B 76 1.56 -13.87 2.23
N TRP B 77 1.70 -14.03 3.54
CA TRP B 77 2.28 -13.01 4.41
C TRP B 77 3.76 -12.77 4.09
N TYR B 78 4.17 -11.51 4.10
CA TYR B 78 5.57 -11.12 3.95
C TYR B 78 5.84 -9.81 4.68
N TRP B 79 7.13 -9.51 4.89
CA TRP B 79 7.53 -8.26 5.49
C TRP B 79 7.76 -7.21 4.41
N VAL B 80 7.12 -6.05 4.54
CA VAL B 80 7.28 -4.99 3.55
C VAL B 80 8.72 -4.48 3.46
N ASP B 81 9.50 -4.58 4.54
CA ASP B 81 10.92 -4.21 4.51
C ASP B 81 11.87 -5.27 3.86
N GLN B 82 11.28 -6.32 3.28
N GLN B 82 11.29 -6.32 3.27
CA GLN B 82 11.97 -7.41 2.59
CA GLN B 82 12.03 -7.37 2.57
C GLN B 82 12.86 -8.28 3.50
C GLN B 82 12.79 -8.34 3.49
N THR B 83 12.62 -8.22 4.81
CA THR B 83 13.13 -9.22 5.75
C THR B 83 12.48 -10.56 5.38
N SER B 84 13.24 -11.65 5.51
CA SER B 84 12.66 -12.96 5.25
C SER B 84 11.63 -13.29 6.32
N PHE B 85 10.42 -13.66 5.90
CA PHE B 85 9.36 -14.02 6.85
C PHE B 85 9.48 -15.49 7.21
N ASN B 86 9.75 -15.75 8.49
CA ASN B 86 9.88 -17.11 9.03
C ASN B 86 8.53 -17.48 9.62
N LYS B 87 7.73 -18.23 8.87
CA LYS B 87 6.39 -18.60 9.28
C LYS B 87 6.35 -19.42 10.58
N GLU B 88 7.22 -20.42 10.69
N GLU B 88 7.22 -20.43 10.69
CA GLU B 88 7.26 -21.28 11.88
CA GLU B 88 7.28 -21.28 11.88
C GLU B 88 7.68 -20.52 13.14
C GLU B 88 7.67 -20.51 13.14
N GLN B 89 8.68 -19.66 13.03
CA GLN B 89 9.13 -18.81 14.16
C GLN B 89 8.03 -17.84 14.56
N SER B 90 7.40 -17.25 13.55
CA SER B 90 6.31 -16.31 13.79
C SER B 90 5.01 -16.94 14.36
N ARG B 91 4.86 -18.26 14.25
N ARG B 91 4.85 -18.26 14.27
CA ARG B 91 3.75 -18.99 14.88
CA ARG B 91 3.67 -18.92 14.86
C ARG B 91 3.51 -18.59 16.33
C ARG B 91 3.49 -18.60 16.35
N ARG B 92 4.60 -18.42 17.07
CA ARG B 92 4.59 -18.13 18.50
C ARG B 92 4.05 -16.74 18.87
N PHE B 93 3.93 -15.84 17.88
CA PHE B 93 3.59 -14.45 18.13
C PHE B 93 2.16 -14.05 17.79
N TRP B 94 1.43 -14.92 17.10
CA TRP B 94 0.02 -14.66 16.83
C TRP B 94 -0.81 -14.92 18.09
N ILE B 95 -1.79 -14.06 18.32
CA ILE B 95 -2.85 -14.35 19.29
C ILE B 95 -3.45 -15.71 18.90
N PRO B 96 -3.62 -16.64 19.87
CA PRO B 96 -4.22 -17.93 19.54
C PRO B 96 -5.50 -17.78 18.70
N GLY B 97 -5.60 -18.55 17.63
CA GLY B 97 -6.75 -18.48 16.72
C GLY B 97 -6.62 -17.41 15.65
N GLU B 98 -5.47 -16.72 15.61
CA GLU B 98 -5.11 -15.79 14.55
C GLU B 98 -3.96 -16.39 13.77
N PRO B 99 -3.80 -16.01 12.48
CA PRO B 99 -4.64 -15.10 11.69
C PRO B 99 -5.91 -15.79 11.18
N ASN B 100 -7.08 -15.24 11.49
CA ASN B 100 -8.35 -15.91 11.13
C ASN B 100 -8.97 -15.39 9.84
N ASN B 101 -8.38 -14.34 9.27
CA ASN B 101 -8.89 -13.72 8.05
C ASN B 101 -10.41 -13.47 8.14
N ALA B 102 -10.81 -12.78 9.21
CA ALA B 102 -12.22 -12.48 9.46
C ALA B 102 -12.85 -11.81 8.23
N GLY B 103 -13.91 -12.41 7.70
CA GLY B 103 -14.59 -11.88 6.52
C GLY B 103 -13.81 -11.93 5.20
N ASN B 104 -12.76 -12.76 5.15
CA ASN B 104 -11.82 -12.83 4.04
C ASN B 104 -11.17 -11.49 3.71
N ASN B 105 -11.04 -10.64 4.72
CA ASN B 105 -10.75 -9.22 4.52
C ASN B 105 -9.56 -8.70 5.34
N GLU B 106 -8.80 -9.58 5.98
CA GLU B 106 -7.77 -9.13 6.95
C GLU B 106 -6.38 -9.43 6.41
N HIS B 107 -5.79 -8.44 5.75
CA HIS B 107 -4.57 -8.63 4.96
C HIS B 107 -3.34 -7.89 5.44
N CYS B 108 -3.44 -7.35 6.67
CA CYS B 108 -2.35 -6.65 7.36
C CYS B 108 -2.38 -7.05 8.82
N ALA B 109 -1.23 -6.97 9.50
CA ALA B 109 -1.16 -7.38 10.90
C ALA B 109 -0.75 -6.25 11.81
N ASN B 110 -1.31 -6.25 13.01
CA ASN B 110 -0.92 -5.34 14.09
C ASN B 110 -0.55 -6.10 15.35
N ILE B 111 0.25 -5.47 16.21
CA ILE B 111 0.47 -5.96 17.56
C ILE B 111 -0.69 -5.42 18.38
N ARG B 112 -1.64 -6.29 18.71
CA ARG B 112 -2.93 -5.84 19.25
C ARG B 112 -2.88 -5.54 20.74
N VAL B 113 -2.06 -6.28 21.47
CA VAL B 113 -2.00 -6.22 22.93
C VAL B 113 -0.57 -6.34 23.43
N SER B 114 -0.39 -6.08 24.72
CA SER B 114 0.91 -6.22 25.38
C SER B 114 1.09 -7.65 25.86
N ALA B 115 1.48 -8.52 24.94
CA ALA B 115 1.78 -9.91 25.23
C ALA B 115 2.67 -10.49 24.15
N LEU B 116 3.34 -11.60 24.47
CA LEU B 116 4.16 -12.29 23.51
C LEU B 116 3.31 -12.76 22.33
N LYS B 117 2.17 -13.37 22.63
CA LYS B 117 1.18 -13.74 21.61
C LYS B 117 0.25 -12.55 21.42
N SER B 118 0.62 -11.65 20.51
CA SER B 118 -0.09 -10.38 20.32
C SER B 118 -0.48 -9.98 18.89
N TRP B 119 0.00 -10.70 17.88
CA TRP B 119 -0.35 -10.33 16.51
C TRP B 119 -1.80 -10.70 16.19
N ASN B 120 -2.46 -9.78 15.48
CA ASN B 120 -3.76 -10.05 14.88
C ASN B 120 -3.75 -9.59 13.45
N ASP B 121 -4.40 -10.35 12.58
CA ASP B 121 -4.68 -9.85 11.25
C ASP B 121 -5.94 -8.99 11.29
N GLY B 122 -5.88 -7.85 10.62
CA GLY B 122 -7.01 -6.93 10.52
C GLY B 122 -7.15 -6.32 9.14
N PRO B 123 -8.30 -5.68 8.86
CA PRO B 123 -8.45 -4.98 7.59
C PRO B 123 -7.42 -3.87 7.44
N CYS B 124 -6.78 -3.80 6.28
N CYS B 124 -6.79 -3.80 6.28
CA CYS B 124 -5.70 -2.84 6.07
CA CYS B 124 -5.73 -2.83 6.02
C CYS B 124 -6.15 -1.37 6.14
C CYS B 124 -6.16 -1.37 6.20
N ASP B 125 -7.46 -1.10 6.07
CA ASP B 125 -7.98 0.26 6.17
C ASP B 125 -8.39 0.72 7.60
N ASN B 126 -8.23 -0.18 8.57
CA ASN B 126 -8.33 0.21 9.99
C ASN B 126 -7.21 1.18 10.32
N THR B 127 -7.48 2.08 11.27
CA THR B 127 -6.57 3.16 11.59
C THR B 127 -6.03 2.93 12.98
N PHE B 128 -4.70 2.75 13.06
CA PHE B 128 -4.02 2.53 14.33
C PHE B 128 -2.74 3.28 14.36
N LEU B 129 -2.22 3.47 15.57
CA LEU B 129 -0.84 3.86 15.71
C LEU B 129 0.05 2.84 15.02
N PHE B 130 1.26 3.26 14.64
CA PHE B 130 2.15 2.38 13.88
C PHE B 130 3.60 2.52 14.29
N ILE B 131 4.42 1.57 13.87
CA ILE B 131 5.84 1.49 14.28
C ILE B 131 6.72 1.39 13.04
N CYS B 132 7.56 2.40 12.79
CA CYS B 132 8.53 2.33 11.73
C CYS B 132 9.83 1.77 12.26
N LYS B 133 10.61 1.19 11.35
CA LYS B 133 11.91 0.61 11.66
C LYS B 133 12.94 1.10 10.65
N ARG B 134 14.10 1.43 11.15
CA ARG B 134 15.21 1.95 10.35
C ARG B 134 16.50 1.33 10.90
N PRO B 135 17.19 0.52 10.07
CA PRO B 135 18.43 -0.10 10.57
C PRO B 135 19.52 0.92 10.92
N TYR B 136 20.25 0.64 11.99
CA TYR B 136 21.45 1.36 12.35
C TYR B 136 22.61 0.59 11.73
N VAL B 137 23.07 1.06 10.57
CA VAL B 137 24.21 0.47 9.86
C VAL B 137 25.29 1.52 9.70
CA CA C . -5.69 17.12 -5.71
C1 GOL D . -20.12 11.70 -17.77
O1 GOL D . -18.76 11.84 -18.15
C2 GOL D . -20.90 12.90 -18.31
O2 GOL D . -22.30 12.63 -18.26
C3 GOL D . -20.54 14.11 -17.45
O3 GOL D . -21.27 15.26 -17.86
C1 GOL E . -13.98 -6.06 -8.12
O1 GOL E . -14.96 -5.87 -9.12
C2 GOL E . -14.58 -5.73 -6.76
O2 GOL E . -14.73 -4.31 -6.67
C3 GOL E . -13.67 -6.26 -5.66
O3 GOL E . -14.17 -5.91 -4.37
C1 GOL F . 0.55 13.53 5.43
O1 GOL F . 0.34 12.51 4.45
C2 GOL F . 0.66 12.93 6.84
O2 GOL F . 0.27 11.55 6.84
C3 GOL F . 2.09 12.98 7.37
O3 GOL F . 2.69 14.28 7.29
C1 GOL G . -11.31 12.70 -6.45
O1 GOL G . -10.17 12.85 -7.28
C2 GOL G . -11.17 13.56 -5.18
O2 GOL G . -12.37 13.43 -4.39
C3 GOL G . -9.96 13.26 -4.28
O3 GOL G . -9.50 11.91 -4.25
C1 GOL H . 4.74 15.43 -12.27
O1 GOL H . 5.29 14.61 -11.23
C2 GOL H . 3.90 16.56 -11.67
O2 GOL H . 4.52 17.07 -10.49
C3 GOL H . 3.74 17.72 -12.66
O3 GOL H . 3.61 17.28 -14.01
C1 GOL I . -6.56 -15.79 -13.01
O1 GOL I . -6.73 -15.10 -14.25
C2 GOL I . -7.54 -15.29 -11.95
O2 GOL I . -8.50 -14.36 -12.47
C3 GOL I . -6.78 -14.58 -10.84
O3 GOL I . -5.98 -15.44 -10.03
O1 P6G J . -14.10 13.19 -0.52
C2 P6G J . -15.44 12.75 -0.28
C3 P6G J . -15.47 11.22 -0.27
O4 P6G J . -15.07 10.75 -1.56
C5 P6G J . -15.08 9.33 -1.68
C6 P6G J . -13.71 8.86 -1.23
O7 P6G J . -13.74 8.37 0.10
C2 BGC K . -8.34 18.91 -5.16
C3 BGC K . -8.86 17.54 -4.82
C4 BGC K . -10.02 17.67 -3.83
C5 BGC K . -11.03 18.68 -4.40
C6 BGC K . -12.32 18.78 -3.60
C1 BGC K . -9.50 19.70 -5.76
O1 BGC K . -9.14 20.90 -6.44
O2 BGC K . -7.21 18.87 -6.03
O3 BGC K . -7.83 16.61 -4.41
O4 BGC K . -10.69 16.42 -3.74
O5 BGC K . -10.38 19.92 -4.65
O6 BGC K . -13.10 17.65 -4.02
CA CA L . -8.02 -11.41 12.88
C1 GOL M . -0.49 1.54 29.15
O1 GOL M . -1.75 1.23 28.58
C2 GOL M . -0.07 2.96 28.77
O2 GOL M . -0.80 3.95 29.49
C3 GOL M . 1.40 3.19 29.08
O3 GOL M . 1.89 4.28 28.29
C1 GOL N . -8.41 -5.44 13.78
O1 GOL N . -7.41 -4.74 13.04
C2 GOL N . -8.45 -4.98 15.22
O2 GOL N . -9.29 -3.82 15.30
C3 GOL N . -7.06 -4.63 15.81
O3 GOL N . -6.27 -5.79 15.94
C1 GLC O . -12.07 -8.70 15.95
C2 GLC O . -11.01 -8.35 14.95
C3 GLC O . -10.50 -9.62 14.39
C4 GLC O . -10.11 -10.60 15.47
C5 GLC O . -11.23 -10.84 16.51
C6 GLC O . -10.76 -11.73 17.62
O1 GLC O . -13.33 -8.63 15.55
O2 GLC O . -11.58 -7.56 13.90
O3 GLC O . -9.32 -9.36 13.55
O4 GLC O . -9.77 -11.83 14.80
O5 GLC O . -11.71 -9.57 17.08
O6 GLC O . -11.87 -12.13 18.38
C2 BGC P . -11.04 -8.44 14.97
C3 BGC P . -10.50 -9.72 14.37
C4 BGC P . -10.07 -10.68 15.46
C5 BGC P . -11.19 -10.90 16.49
C6 BGC P . -10.80 -11.83 17.64
C1 BGC P . -12.04 -8.73 16.08
O1 BGC P . -12.32 -7.50 16.74
O2 BGC P . -11.68 -7.68 13.94
O3 BGC P . -9.38 -9.45 13.51
O4 BGC P . -9.68 -11.88 14.78
O5 BGC P . -11.53 -9.64 17.05
O6 BGC P . -11.99 -12.35 18.28
O1 P6G Q . -11.54 -0.38 8.05
C2 P6G Q . -12.23 0.85 7.81
C3 P6G Q . -12.76 1.39 9.12
O4 P6G Q . -11.66 1.68 9.98
C5 P6G Q . -12.09 1.95 11.32
C6 P6G Q . -10.90 2.51 12.12
O7 P6G Q . -10.05 1.44 12.54
C8 P6G Q . -10.17 0.99 13.89
C9 P6G Q . -10.71 -0.44 13.93
O10 P6G Q . -11.61 -0.65 15.01
#